data_9CMB
#
_entry.id   9CMB
#
_cell.length_a   90.954
_cell.length_b   102.731
_cell.length_c   55.753
_cell.angle_alpha   90.000
_cell.angle_beta   111.651
_cell.angle_gamma   90.000
#
_symmetry.space_group_name_H-M   'C 1 2 1'
#
loop_
_entity.id
_entity.type
_entity.pdbx_description
1 polymer 'Transcription factor PU.1'
2 polymer "DNA (5'-D(*AP*AP*TP*AP*AP*AP*AP*GP*GP*AP*AP*GP*TP*GP*GP*G)-3')"
3 polymer "DNA (5'-D(*TP*CP*CP*CP*AP*CP*TP*TP*CP*CP*TP*TP*TP*TP*AP*T)-3')"
4 non-polymer 'ZINC ION'
5 water water
#
loop_
_entity_poly.entity_id
_entity_poly.type
_entity_poly.pdbx_seq_one_letter_code
_entity_poly.pdbx_strand_id
1 'polypeptide(L)'
;GSKKKIRLYQFLLDLLRSGDMKDSIWWVDKDKGTFQFSSKHKEALAHRWGIQKGNRKKMTYQKMARALRNYGKTGEVKKV
KKKLTYQFSGEVLGRGGLAERRHPPH
;
A,C
2 'polydeoxyribonucleotide' (DA)(DA)(DT)(DA)(DA)(DA)(DA)(DG)(DG)(DA)(DA)(DG)(DT)(DG)(DG)(DG) B,D
3 'polydeoxyribonucleotide' (DT)(DC)(DC)(DC)(DA)(DC)(DT)(DT)(DC)(DC)(DT)(DT)(DT)(DT)(DA)(DT) E,F
#
loop_
_chem_comp.id
_chem_comp.type
_chem_comp.name
_chem_comp.formula
DA DNA linking 2'-DEOXYADENOSINE-5'-MONOPHOSPHATE 'C10 H14 N5 O6 P'
DC DNA linking 2'-DEOXYCYTIDINE-5'-MONOPHOSPHATE 'C9 H14 N3 O7 P'
DG DNA linking 2'-DEOXYGUANOSINE-5'-MONOPHOSPHATE 'C10 H14 N5 O7 P'
DT DNA linking THYMIDINE-5'-MONOPHOSPHATE 'C10 H15 N2 O8 P'
ZN non-polymer 'ZINC ION' 'Zn 2'
#
# COMPACT_ATOMS: atom_id res chain seq x y z
N LYS A 5 12.16 1.63 22.90
CA LYS A 5 11.88 0.20 23.02
C LYS A 5 12.13 -0.56 21.70
N ILE A 6 11.49 -1.73 21.58
CA ILE A 6 11.69 -2.62 20.45
C ILE A 6 10.50 -2.49 19.50
N ARG A 7 10.81 -2.42 18.20
CA ARG A 7 9.80 -2.25 17.19
C ARG A 7 9.08 -3.57 16.92
N LEU A 8 7.79 -3.44 16.55
CA LEU A 8 6.96 -4.60 16.29
C LEU A 8 7.55 -5.50 15.19
N TYR A 9 7.97 -4.93 14.07
CA TYR A 9 8.52 -5.80 13.03
C TYR A 9 9.74 -6.58 13.54
N GLN A 10 10.58 -5.92 14.36
CA GLN A 10 11.75 -6.57 14.95
C GLN A 10 11.37 -7.70 15.89
N PHE A 11 10.39 -7.46 16.76
CA PHE A 11 9.83 -8.49 17.62
C PHE A 11 9.37 -9.70 16.80
N LEU A 12 8.61 -9.44 15.75
CA LEU A 12 8.13 -10.53 14.91
C LEU A 12 9.30 -11.25 14.22
N LEU A 13 10.25 -10.51 13.71
CA LEU A 13 11.35 -11.15 12.98
C LEU A 13 12.18 -12.01 13.92
N ASP A 14 12.39 -11.54 15.16
CA ASP A 14 13.17 -12.28 16.15
C ASP A 14 12.50 -13.59 16.53
N LEU A 15 11.18 -13.57 16.66
CA LEU A 15 10.50 -14.84 16.93
C LEU A 15 10.66 -15.78 15.75
N LEU A 16 10.60 -15.25 14.52
CA LEU A 16 10.69 -16.12 13.34
C LEU A 16 12.11 -16.74 13.22
N ARG A 17 13.14 -15.92 13.38
CA ARG A 17 14.52 -16.35 13.25
C ARG A 17 14.99 -17.22 14.40
N SER A 18 14.33 -17.18 15.56
CA SER A 18 14.67 -18.11 16.63
C SER A 18 13.69 -19.26 16.80
N GLY A 19 12.57 -19.27 16.07
CA GLY A 19 11.66 -20.43 16.05
C GLY A 19 10.75 -20.57 17.25
N ASP A 20 10.58 -19.55 18.09
CA ASP A 20 9.59 -19.62 19.19
C ASP A 20 8.23 -19.25 18.60
N MET A 21 7.16 -19.75 19.20
CA MET A 21 5.78 -19.47 18.77
C MET A 21 5.60 -19.93 17.33
N LYS A 22 5.94 -21.17 17.02
CA LYS A 22 5.78 -21.73 15.66
C LYS A 22 4.32 -22.14 15.50
N ASP A 23 3.60 -22.26 16.61
CA ASP A 23 2.17 -22.59 16.58
C ASP A 23 1.40 -21.31 16.30
N SER A 24 2.00 -20.14 16.54
CA SER A 24 1.36 -18.84 16.31
C SER A 24 1.83 -18.15 15.02
N ILE A 25 3.07 -18.34 14.58
CA ILE A 25 3.59 -17.63 13.41
C ILE A 25 4.67 -18.47 12.74
N TRP A 26 4.69 -18.48 11.40
CA TRP A 26 5.70 -19.27 10.66
C TRP A 26 6.02 -18.64 9.30
N TRP A 27 7.19 -18.99 8.76
CA TRP A 27 7.49 -18.62 7.38
C TRP A 27 6.56 -19.35 6.42
N VAL A 28 6.11 -18.62 5.41
CA VAL A 28 5.54 -19.19 4.21
C VAL A 28 6.64 -19.35 3.15
N ASP A 29 7.49 -18.33 2.98
CA ASP A 29 8.71 -18.44 2.17
C ASP A 29 9.78 -17.61 2.86
N LYS A 30 10.74 -18.32 3.48
CA LYS A 30 11.75 -17.67 4.31
C LYS A 30 12.62 -16.73 3.48
N ASP A 31 13.11 -17.21 2.33
CA ASP A 31 13.97 -16.42 1.45
C ASP A 31 13.27 -15.21 0.86
N LYS A 32 11.94 -15.22 0.76
CA LYS A 32 11.17 -14.04 0.35
C LYS A 32 10.62 -13.25 1.53
N GLY A 33 10.89 -13.63 2.77
CA GLY A 33 10.41 -12.88 3.92
C GLY A 33 8.92 -12.98 4.24
N THR A 34 8.19 -13.92 3.64
CA THR A 34 6.75 -13.94 3.78
C THR A 34 6.39 -14.88 4.92
N PHE A 35 5.51 -14.39 5.81
CA PHE A 35 5.13 -15.12 7.00
C PHE A 35 3.64 -14.97 7.26
N GLN A 36 3.16 -15.81 8.19
CA GLN A 36 1.75 -16.02 8.35
C GLN A 36 1.43 -16.26 9.81
N PHE A 37 0.30 -15.72 10.25
CA PHE A 37 -0.20 -15.96 11.60
C PHE A 37 -1.16 -17.14 11.56
N SER A 38 -1.16 -17.89 12.65
CA SER A 38 -2.15 -18.93 12.90
C SER A 38 -3.52 -18.34 13.20
N SER A 39 -4.55 -18.91 12.58
CA SER A 39 -5.91 -18.46 12.91
C SER A 39 -6.21 -18.69 14.38
N LYS A 40 -5.84 -19.85 14.91
CA LYS A 40 -6.24 -20.23 16.25
C LYS A 40 -5.32 -19.69 17.34
N HIS A 41 -4.04 -19.48 17.07
CA HIS A 41 -3.02 -19.18 18.13
C HIS A 41 -2.44 -17.77 18.04
N LYS A 42 -2.90 -16.92 17.12
CA LYS A 42 -2.31 -15.61 17.00
C LYS A 42 -2.48 -14.77 18.26
N GLU A 43 -3.54 -15.00 19.06
CA GLU A 43 -3.75 -14.15 20.23
C GLU A 43 -2.68 -14.35 21.30
N ALA A 44 -2.10 -15.54 21.44
CA ALA A 44 -1.01 -15.71 22.42
C ALA A 44 0.16 -14.83 22.04
N LEU A 45 0.38 -14.68 20.75
CA LEU A 45 1.50 -13.87 20.29
C LEU A 45 1.19 -12.36 20.45
N ALA A 46 -0.02 -11.95 20.05
CA ALA A 46 -0.47 -10.59 20.34
C ALA A 46 -0.28 -10.26 21.82
N HIS A 47 -0.76 -11.15 22.68
CA HIS A 47 -0.66 -10.92 24.10
C HIS A 47 0.78 -10.74 24.53
N ARG A 48 1.66 -11.61 24.03
CA ARG A 48 3.07 -11.48 24.38
C ARG A 48 3.65 -10.14 23.94
N TRP A 49 3.26 -9.66 22.75
CA TRP A 49 3.75 -8.35 22.31
C TRP A 49 3.33 -7.25 23.29
N GLY A 50 2.08 -7.31 23.75
CA GLY A 50 1.58 -6.27 24.63
C GLY A 50 2.22 -6.32 26.01
N ILE A 51 2.43 -7.53 26.52
CA ILE A 51 3.16 -7.66 27.78
C ILE A 51 4.54 -7.03 27.61
N GLN A 52 5.22 -7.35 26.51
CA GLN A 52 6.60 -6.90 26.37
C GLN A 52 6.68 -5.38 26.23
N LYS A 53 5.64 -4.73 25.66
CA LYS A 53 5.62 -3.26 25.59
C LYS A 53 5.09 -2.57 26.86
N GLY A 54 4.55 -3.31 27.80
CA GLY A 54 3.99 -2.69 28.99
C GLY A 54 2.70 -1.92 28.76
N ASN A 55 1.95 -2.29 27.75
CA ASN A 55 0.73 -1.55 27.47
C ASN A 55 -0.30 -1.72 28.56
N ARG A 56 -1.12 -0.69 28.71
CA ARG A 56 -2.16 -0.66 29.73
C ARG A 56 -3.14 -1.79 29.53
N LYS A 57 -3.68 -1.91 28.34
CA LYS A 57 -4.63 -2.92 27.93
C LYS A 57 -3.94 -4.19 27.37
N LYS A 58 -4.71 -5.29 27.36
CA LYS A 58 -4.37 -6.52 26.67
C LYS A 58 -4.31 -6.27 25.16
N MET A 59 -3.13 -6.49 24.62
CA MET A 59 -2.93 -6.46 23.19
C MET A 59 -3.66 -7.63 22.55
N THR A 60 -4.30 -7.36 21.41
CA THR A 60 -5.04 -8.36 20.63
C THR A 60 -4.43 -8.47 19.25
N TYR A 61 -4.81 -9.50 18.49
CA TYR A 61 -4.31 -9.57 17.12
C TYR A 61 -4.81 -8.37 16.30
N GLN A 62 -6.04 -7.93 16.52
CA GLN A 62 -6.60 -6.85 15.69
CA GLN A 62 -6.56 -6.86 15.66
C GLN A 62 -5.81 -5.56 15.90
N LYS A 63 -5.42 -5.25 17.15
CA LYS A 63 -4.67 -4.03 17.40
C LYS A 63 -3.25 -4.13 16.86
N MET A 64 -2.66 -5.31 16.97
CA MET A 64 -1.34 -5.53 16.39
C MET A 64 -1.36 -5.37 14.88
N ALA A 65 -2.32 -6.02 14.19
CA ALA A 65 -2.47 -5.77 12.75
C ALA A 65 -2.72 -4.31 12.43
N ARG A 66 -3.37 -3.57 13.33
CA ARG A 66 -3.56 -2.15 13.04
C ARG A 66 -2.21 -1.48 12.94
N ALA A 67 -1.33 -1.79 13.89
CA ALA A 67 0.05 -1.28 13.78
C ALA A 67 0.71 -1.84 12.53
N LEU A 68 0.58 -3.12 12.29
CA LEU A 68 1.25 -3.70 11.12
C LEU A 68 0.91 -2.94 9.85
N ARG A 69 -0.36 -2.51 9.70
CA ARG A 69 -0.80 -1.86 8.49
C ARG A 69 -0.10 -0.53 8.28
N ASN A 70 0.26 0.16 9.38
CA ASN A 70 1.05 1.38 9.26
C ASN A 70 2.43 1.14 8.64
N TYR A 71 2.97 -0.06 8.71
CA TYR A 71 4.27 -0.27 8.07
C TYR A 71 4.11 -0.24 6.56
N GLY A 72 2.91 -0.47 6.03
CA GLY A 72 2.66 -0.33 4.62
C GLY A 72 3.06 1.03 4.06
N LYS A 73 2.99 2.08 4.85
CA LYS A 73 3.33 3.44 4.38
C LYS A 73 4.85 3.53 4.23
N THR A 74 5.60 3.11 5.24
CA THR A 74 7.08 3.19 5.26
C THR A 74 7.67 2.09 4.38
N GLY A 75 7.33 0.84 4.61
CA GLY A 75 7.76 -0.27 3.73
C GLY A 75 8.28 -1.49 4.46
N GLU A 76 8.48 -1.45 5.77
CA GLU A 76 9.08 -2.57 6.48
C GLU A 76 8.25 -3.85 6.33
N VAL A 77 6.94 -3.73 6.27
CA VAL A 77 6.10 -4.91 6.27
C VAL A 77 4.94 -4.60 5.35
N LYS A 78 4.74 -5.48 4.39
CA LYS A 78 3.76 -5.32 3.34
C LYS A 78 2.72 -6.39 3.58
N LYS A 79 1.46 -6.07 3.39
CA LYS A 79 0.42 -7.07 3.48
C LYS A 79 0.43 -7.87 2.18
N VAL A 80 0.37 -9.15 2.29
CA VAL A 80 0.09 -10.01 1.15
C VAL A 80 -1.40 -10.30 1.03
N LYS A 81 -1.85 -10.58 -0.20
CA LYS A 81 -3.27 -10.79 -0.45
C LYS A 81 -3.64 -12.24 -0.14
N LYS A 82 -3.21 -12.70 1.04
CA LYS A 82 -3.47 -14.06 1.55
C LYS A 82 -3.86 -13.87 3.01
N LYS A 83 -4.79 -14.67 3.53
CA LYS A 83 -5.28 -14.57 4.90
C LYS A 83 -4.11 -14.63 5.88
N LEU A 84 -3.98 -13.59 6.71
CA LEU A 84 -3.05 -13.55 7.84
C LEU A 84 -1.56 -13.58 7.40
N THR A 85 -1.30 -13.24 6.17
CA THR A 85 0.03 -13.30 5.59
C THR A 85 0.60 -11.91 5.32
N TYR A 86 1.88 -11.71 5.68
CA TYR A 86 2.61 -10.48 5.52
C TYR A 86 4.00 -10.74 4.91
N GLN A 87 4.75 -9.66 4.68
CA GLN A 87 6.05 -9.82 4.02
C GLN A 87 7.01 -8.72 4.44
N PHE A 88 8.13 -9.11 5.05
CA PHE A 88 9.18 -8.17 5.39
C PHE A 88 9.86 -7.62 4.13
N SER A 89 10.32 -6.38 4.19
CA SER A 89 11.13 -5.84 3.10
C SER A 89 12.52 -6.49 3.13
N GLY A 90 13.22 -6.43 1.98
CA GLY A 90 14.62 -6.85 1.95
C GLY A 90 15.51 -6.06 2.88
N GLU A 91 15.27 -4.75 2.97
CA GLU A 91 15.98 -3.89 3.92
C GLU A 91 15.84 -4.41 5.36
N VAL A 92 14.68 -4.94 5.72
CA VAL A 92 14.44 -5.38 7.09
C VAL A 92 15.16 -6.69 7.37
N LEU A 93 15.20 -7.58 6.38
CA LEU A 93 15.86 -8.88 6.50
C LEU A 93 17.39 -8.83 6.57
N GLY A 94 18.04 -7.66 6.38
CA GLY A 94 19.49 -7.56 6.49
C GLY A 94 20.02 -7.34 7.91
N ARG A 95 19.54 -6.27 8.58
CA ARG A 95 20.02 -5.89 9.91
C ARG A 95 19.47 -6.75 11.06
N LYS C 5 6.25 22.06 -6.70
CA LYS C 5 5.46 21.79 -7.88
C LYS C 5 4.15 21.06 -7.52
N ILE C 6 3.46 20.62 -8.57
CA ILE C 6 2.12 20.06 -8.48
C ILE C 6 2.25 18.54 -8.40
N ARG C 7 1.34 17.90 -7.67
CA ARG C 7 1.36 16.47 -7.50
C ARG C 7 0.56 15.75 -8.58
N LEU C 8 1.03 14.54 -8.96
CA LEU C 8 0.32 13.74 -9.95
C LEU C 8 -1.19 13.56 -9.65
N TYR C 9 -1.58 13.21 -8.41
CA TYR C 9 -3.02 12.97 -8.19
C TYR C 9 -3.83 14.25 -8.37
N GLN C 10 -3.25 15.38 -8.02
CA GLN C 10 -3.96 16.64 -8.16
C GLN C 10 -4.12 17.01 -9.62
N PHE C 11 -3.07 16.76 -10.41
CA PHE C 11 -3.12 16.96 -11.86
C PHE C 11 -4.28 16.16 -12.44
N LEU C 12 -4.40 14.89 -12.03
CA LEU C 12 -5.43 14.06 -12.64
C LEU C 12 -6.82 14.55 -12.21
N LEU C 13 -6.94 14.88 -10.93
CA LEU C 13 -8.21 15.37 -10.41
C LEU C 13 -8.65 16.65 -11.10
N ASP C 14 -7.71 17.56 -11.34
CA ASP C 14 -8.05 18.82 -11.99
C ASP C 14 -8.53 18.62 -13.42
N LEU C 15 -7.98 17.61 -14.12
CA LEU C 15 -8.51 17.29 -15.45
C LEU C 15 -9.95 16.80 -15.34
N LEU C 16 -10.20 15.97 -14.31
CA LEU C 16 -11.51 15.32 -14.22
C LEU C 16 -12.58 16.34 -13.84
N ARG C 17 -12.28 17.19 -12.87
CA ARG C 17 -13.20 18.19 -12.39
C ARG C 17 -13.41 19.32 -13.37
N SER C 18 -12.48 19.57 -14.31
CA SER C 18 -12.74 20.56 -15.32
C SER C 18 -13.24 19.97 -16.64
N GLY C 19 -13.35 18.67 -16.74
CA GLY C 19 -13.78 18.03 -17.99
C GLY C 19 -12.80 18.26 -19.13
N ASP C 20 -11.50 18.16 -18.91
CA ASP C 20 -10.53 18.21 -20.02
C ASP C 20 -10.10 16.78 -20.31
N MET C 21 -9.64 16.53 -21.53
CA MET C 21 -9.13 15.21 -21.94
C MET C 21 -10.15 14.15 -21.56
N LYS C 22 -11.36 14.22 -22.08
CA LYS C 22 -12.39 13.20 -21.81
C LYS C 22 -12.09 11.98 -22.67
N ASP C 23 -11.39 12.14 -23.79
CA ASP C 23 -10.99 10.99 -24.59
C ASP C 23 -9.91 10.19 -23.90
N SER C 24 -9.17 10.81 -22.99
CA SER C 24 -8.07 10.18 -22.28
C SER C 24 -8.42 9.70 -20.86
N ILE C 25 -9.24 10.41 -20.11
CA ILE C 25 -9.54 10.04 -18.71
C ILE C 25 -10.99 10.40 -18.40
N TRP C 26 -11.68 9.58 -17.60
CA TRP C 26 -13.10 9.85 -17.30
C TRP C 26 -13.53 9.18 -15.99
N TRP C 27 -14.50 9.79 -15.32
CA TRP C 27 -15.10 9.23 -14.09
C TRP C 27 -15.88 7.97 -14.46
N VAL C 28 -15.69 6.87 -13.75
CA VAL C 28 -16.47 5.62 -13.91
C VAL C 28 -17.60 5.70 -12.87
N ASP C 29 -17.32 6.23 -11.69
CA ASP C 29 -18.31 6.47 -10.60
C ASP C 29 -17.82 7.70 -9.85
N LYS C 30 -18.32 8.87 -10.19
CA LYS C 30 -17.84 10.15 -9.66
C LYS C 30 -18.02 10.21 -8.16
N ASP C 31 -19.17 9.77 -7.67
CA ASP C 31 -19.43 9.87 -6.23
C ASP C 31 -18.41 9.10 -5.41
N LYS C 32 -18.10 7.86 -5.80
CA LYS C 32 -17.07 7.06 -5.14
C LYS C 32 -15.62 7.39 -5.59
N GLY C 33 -15.41 8.20 -6.61
CA GLY C 33 -14.05 8.62 -6.93
C GLY C 33 -13.30 7.70 -7.88
N THR C 34 -13.99 6.84 -8.63
CA THR C 34 -13.34 5.87 -9.50
C THR C 34 -13.27 6.44 -10.91
N PHE C 35 -12.08 6.38 -11.48
CA PHE C 35 -11.81 6.90 -12.82
C PHE C 35 -10.95 5.93 -13.63
N GLN C 36 -11.06 6.07 -14.96
CA GLN C 36 -10.46 5.13 -15.90
C GLN C 36 -9.73 5.88 -17.00
N PHE C 37 -8.59 5.32 -17.42
CA PHE C 37 -7.87 5.81 -18.58
C PHE C 37 -8.34 5.07 -19.83
N SER C 38 -8.34 5.80 -20.94
CA SER C 38 -8.54 5.24 -22.27
C SER C 38 -7.35 4.40 -22.72
N SER C 39 -7.60 3.21 -23.25
CA SER C 39 -6.48 2.42 -23.78
C SER C 39 -5.75 3.17 -24.90
N LYS C 40 -6.50 3.73 -25.84
CA LYS C 40 -5.94 4.37 -27.03
C LYS C 40 -5.39 5.76 -26.77
N HIS C 41 -5.95 6.51 -25.82
CA HIS C 41 -5.63 7.92 -25.70
C HIS C 41 -4.84 8.27 -24.45
N LYS C 42 -4.42 7.26 -23.67
CA LYS C 42 -3.75 7.55 -22.40
C LYS C 42 -2.38 8.19 -22.59
N GLU C 43 -1.69 7.95 -23.74
CA GLU C 43 -0.32 8.44 -23.89
C GLU C 43 -0.29 9.95 -24.10
N ALA C 44 -1.35 10.54 -24.66
CA ALA C 44 -1.42 12.00 -24.75
C ALA C 44 -1.52 12.63 -23.36
N LEU C 45 -2.31 12.04 -22.47
CA LEU C 45 -2.39 12.56 -21.10
C LEU C 45 -1.04 12.38 -20.38
N ALA C 46 -0.42 11.21 -20.52
CA ALA C 46 0.92 11.02 -19.94
C ALA C 46 1.90 12.06 -20.47
N HIS C 47 1.91 12.23 -21.79
CA HIS C 47 2.77 13.23 -22.43
C HIS C 47 2.61 14.57 -21.73
N ARG C 48 1.34 14.96 -21.48
CA ARG C 48 1.07 16.29 -20.93
C ARG C 48 1.53 16.39 -19.48
N TRP C 49 1.45 15.29 -18.74
CA TRP C 49 2.01 15.32 -17.38
C TRP C 49 3.53 15.59 -17.42
N GLY C 50 4.23 14.95 -18.36
CA GLY C 50 5.68 15.11 -18.41
C GLY C 50 6.12 16.50 -18.85
N ILE C 51 5.39 17.08 -19.81
CA ILE C 51 5.64 18.48 -20.19
C ILE C 51 5.40 19.40 -18.99
N GLN C 52 4.33 19.14 -18.24
CA GLN C 52 4.02 20.06 -17.14
C GLN C 52 5.08 20.00 -16.06
N LYS C 53 5.69 18.83 -15.85
CA LYS C 53 6.74 18.72 -14.83
C LYS C 53 8.12 19.12 -15.36
N GLY C 54 8.28 19.24 -16.67
CA GLY C 54 9.59 19.51 -17.23
C GLY C 54 10.58 18.37 -17.11
N ASN C 55 10.12 17.14 -17.00
CA ASN C 55 11.05 16.03 -16.92
C ASN C 55 11.93 15.98 -18.17
N ARG C 56 13.03 15.23 -18.06
CA ARG C 56 14.03 15.16 -19.13
C ARG C 56 13.60 14.21 -20.22
N LYS C 57 13.02 13.08 -19.84
CA LYS C 57 12.54 12.13 -20.84
C LYS C 57 11.04 12.36 -21.07
N LYS C 58 10.55 11.85 -22.20
CA LYS C 58 9.15 11.92 -22.51
C LYS C 58 8.36 10.99 -21.58
N MET C 59 7.31 11.54 -20.99
CA MET C 59 6.52 10.76 -20.02
C MET C 59 5.68 9.78 -20.80
N THR C 60 5.64 8.55 -20.34
CA THR C 60 4.78 7.55 -20.91
C THR C 60 3.75 7.08 -19.90
N TYR C 61 2.72 6.39 -20.39
CA TYR C 61 1.76 5.88 -19.41
C TYR C 61 2.39 4.90 -18.41
N GLN C 62 3.29 3.99 -18.85
CA GLN C 62 3.89 3.04 -17.93
CA GLN C 62 3.86 3.03 -17.91
C GLN C 62 4.56 3.76 -16.78
N LYS C 63 5.23 4.87 -17.09
CA LYS C 63 5.96 5.54 -16.03
C LYS C 63 5.03 6.31 -15.09
N MET C 64 4.01 6.92 -15.66
CA MET C 64 3.01 7.58 -14.83
C MET C 64 2.28 6.57 -13.97
N ALA C 65 1.95 5.39 -14.52
CA ALA C 65 1.36 4.30 -13.74
C ALA C 65 2.30 3.82 -12.65
N ARG C 66 3.61 3.79 -12.92
CA ARG C 66 4.56 3.50 -11.85
C ARG C 66 4.37 4.47 -10.69
N ALA C 67 4.30 5.77 -10.99
CA ALA C 67 4.09 6.75 -9.93
C ALA C 67 2.70 6.58 -9.29
N LEU C 68 1.69 6.25 -10.05
CA LEU C 68 0.39 6.03 -9.45
C LEU C 68 0.45 4.90 -8.44
N ARG C 69 1.16 3.82 -8.75
CA ARG C 69 1.18 2.67 -7.85
C ARG C 69 1.86 3.03 -6.53
N ASN C 70 2.80 3.96 -6.58
CA ASN C 70 3.31 4.39 -5.28
C ASN C 70 2.23 4.99 -4.36
N TYR C 71 1.13 5.52 -4.92
CA TYR C 71 0.13 6.13 -4.06
C TYR C 71 -0.59 5.10 -3.23
N GLY C 72 -0.54 3.82 -3.63
CA GLY C 72 -1.22 2.75 -2.91
C GLY C 72 -0.70 2.52 -1.51
N LYS C 73 0.52 2.98 -1.23
CA LYS C 73 1.16 2.83 0.08
C LYS C 73 0.68 3.94 1.01
N THR C 74 0.45 5.12 0.47
CA THR C 74 0.06 6.32 1.25
C THR C 74 -1.46 6.42 1.29
N GLY C 75 -2.15 5.90 0.29
CA GLY C 75 -3.61 5.85 0.25
C GLY C 75 -4.30 6.84 -0.67
N GLU C 76 -3.61 7.83 -1.23
CA GLU C 76 -4.33 8.87 -1.99
C GLU C 76 -5.04 8.29 -3.20
N VAL C 77 -4.51 7.22 -3.78
CA VAL C 77 -5.04 6.68 -5.03
C VAL C 77 -4.88 5.18 -4.96
N LYS C 78 -5.95 4.46 -5.20
CA LYS C 78 -5.87 3.01 -5.15
C LYS C 78 -6.24 2.41 -6.48
N LYS C 79 -5.63 1.27 -6.79
CA LYS C 79 -5.91 0.50 -7.99
C LYS C 79 -7.21 -0.25 -7.81
N VAL C 80 -8.04 -0.22 -8.83
CA VAL C 80 -9.23 -1.05 -8.88
C VAL C 80 -8.94 -2.25 -9.75
N LYS C 81 -9.62 -3.37 -9.45
CA LYS C 81 -9.45 -4.63 -10.19
C LYS C 81 -10.29 -4.60 -11.45
N LYS C 82 -10.04 -3.56 -12.25
CA LYS C 82 -10.58 -3.41 -13.59
C LYS C 82 -9.53 -2.70 -14.40
N LYS C 83 -9.51 -3.01 -15.69
CA LYS C 83 -8.48 -2.50 -16.58
C LYS C 83 -8.41 -0.97 -16.51
N LEU C 84 -7.24 -0.44 -16.15
CA LEU C 84 -6.89 0.98 -16.25
C LEU C 84 -7.76 1.85 -15.33
N THR C 85 -8.28 1.30 -14.27
CA THR C 85 -9.18 1.98 -13.36
C THR C 85 -8.55 2.13 -11.97
N TYR C 86 -8.76 3.30 -11.36
CA TYR C 86 -8.14 3.71 -10.12
C TYR C 86 -9.23 4.42 -9.32
N GLN C 87 -8.90 4.80 -8.09
CA GLN C 87 -9.90 5.39 -7.20
C GLN C 87 -9.21 6.36 -6.27
N PHE C 88 -9.59 7.62 -6.33
CA PHE C 88 -9.12 8.56 -5.32
C PHE C 88 -9.65 8.16 -3.94
N SER C 89 -8.91 8.56 -2.91
CA SER C 89 -9.37 8.47 -1.54
C SER C 89 -10.29 9.65 -1.18
N GLY C 90 -11.15 9.43 -0.17
CA GLY C 90 -12.03 10.50 0.32
C GLY C 90 -11.27 11.76 0.69
N GLU C 91 -10.12 11.62 1.36
CA GLU C 91 -9.34 12.79 1.75
C GLU C 91 -8.96 13.65 0.53
N VAL C 92 -8.45 13.01 -0.54
CA VAL C 92 -7.98 13.73 -1.71
C VAL C 92 -9.11 14.52 -2.36
N LEU C 93 -10.30 13.93 -2.39
CA LEU C 93 -11.49 14.61 -2.92
C LEU C 93 -11.97 15.81 -2.08
N GLY C 94 -11.32 16.16 -0.96
CA GLY C 94 -11.58 17.42 -0.26
C GLY C 94 -10.46 18.45 -0.39
N ARG C 95 -9.29 18.02 -0.87
CA ARG C 95 -8.12 18.88 -1.13
C ARG C 95 -7.34 18.32 -2.35
ZN ZN G . -9.91 14.31 -28.40
#